data_5DZ7
#
_entry.id   5DZ7
#
_cell.length_a   42.653
_cell.length_b   54.546
_cell.length_c   116.708
_cell.angle_alpha   90.00
_cell.angle_beta   90.00
_cell.angle_gamma   90.00
#
_symmetry.space_group_name_H-M   'P 21 21 21'
#
loop_
_entity.id
_entity.type
_entity.pdbx_description
1 polymer 'Polyketide biosynthesis protein PksE'
2 non-polymer GLYCEROL
3 non-polymer 'CHLORIDE ION'
4 water water
#
_entity_poly.entity_id   1
_entity_poly.type   'polypeptide(L)'
_entity_poly.pdbx_seq_one_letter_code
;MGSSHHHHHHSSGLVPRGSHMITYVFPGQGSQQKGMGQGLFEQYQHLTDQADQILGYSIEKLCTEKSYLDVNHTEYTQPA
LYVVNALSYLKRVEETGRKPDFAAGHSLGEYNALMAAGAFDFETGLRLVKKRGELMGRITGGGMAAVIGLSKEQVTAVLE
EHRLYDIDVANENTPQQIVISGPKKEIEKARAVFENTKDVKLFHPLNVSGAFHSRYMNEAKQVFKQYIDSFQFAPLAIPV
ISNVYAEPYHQDRLKDTLSEQMDNTVKWTDSIRFLMGRGEMEFAEIGPGTVLTGLIHRIKNEAEPLTY
;
_entity_poly.pdbx_strand_id   A
#
# COMPACT_ATOMS: atom_id res chain seq x y z
N MET A 21 -13.74 -18.39 7.46
CA MET A 21 -13.53 -16.94 7.13
C MET A 21 -12.28 -16.62 6.30
N ILE A 22 -12.43 -15.71 5.33
CA ILE A 22 -11.32 -15.31 4.41
C ILE A 22 -11.14 -13.79 4.24
N THR A 23 -9.88 -13.36 4.09
CA THR A 23 -9.52 -11.97 3.81
C THR A 23 -8.73 -11.83 2.51
N TYR A 24 -9.18 -10.92 1.64
CA TYR A 24 -8.45 -10.59 0.43
C TYR A 24 -7.56 -9.38 0.73
N VAL A 25 -6.29 -9.50 0.40
CA VAL A 25 -5.34 -8.46 0.70
C VAL A 25 -4.68 -8.11 -0.59
N PHE A 26 -4.48 -6.81 -0.74
CA PHE A 26 -3.97 -6.23 -1.98
C PHE A 26 -2.59 -5.63 -1.83
N PRO A 27 -1.62 -6.12 -2.61
CA PRO A 27 -0.24 -5.65 -2.51
C PRO A 27 -0.07 -4.18 -2.94
N GLY A 28 1.03 -3.58 -2.50
CA GLY A 28 1.38 -2.20 -2.83
C GLY A 28 2.65 -2.13 -3.63
N GLN A 29 3.31 -0.99 -3.57
CA GLN A 29 4.53 -0.72 -4.31
C GLN A 29 5.58 -1.76 -3.98
N GLY A 30 6.22 -2.30 -5.01
CA GLY A 30 7.21 -3.36 -4.82
C GLY A 30 6.72 -4.71 -5.31
N SER A 31 5.40 -4.83 -5.51
CA SER A 31 4.83 -6.05 -6.06
C SER A 31 4.65 -6.00 -7.57
N GLN A 32 4.85 -4.84 -8.20
CA GLN A 32 4.60 -4.71 -9.64
C GLN A 32 5.70 -5.41 -10.38
N GLN A 33 5.43 -5.82 -11.62
CA GLN A 33 6.43 -6.50 -12.41
C GLN A 33 5.90 -6.72 -13.82
N LYS A 34 6.70 -6.34 -14.82
CA LYS A 34 6.25 -6.44 -16.18
C LYS A 34 5.64 -7.81 -16.39
N GLY A 35 4.48 -7.85 -17.04
CA GLY A 35 3.75 -9.09 -17.27
C GLY A 35 2.58 -9.26 -16.30
N MET A 36 2.60 -8.48 -15.22
CA MET A 36 1.50 -8.44 -14.26
C MET A 36 0.14 -8.34 -14.99
N GLY A 37 -0.84 -9.08 -14.49
CA GLY A 37 -2.21 -9.05 -15.04
C GLY A 37 -2.33 -9.42 -16.51
N GLN A 38 -1.35 -10.14 -17.05
CA GLN A 38 -1.39 -10.63 -18.41
C GLN A 38 -2.70 -11.38 -18.69
N GLY A 39 -3.40 -10.98 -19.74
CA GLY A 39 -4.57 -11.69 -20.20
C GLY A 39 -5.86 -11.26 -19.52
N LEU A 40 -5.77 -10.62 -18.36
CA LEU A 40 -6.94 -10.08 -17.65
C LEU A 40 -7.47 -8.77 -18.29
N PHE A 41 -6.66 -8.08 -19.07
CA PHE A 41 -7.08 -6.79 -19.59
C PHE A 41 -8.22 -6.91 -20.60
N GLU A 42 -8.05 -7.80 -21.57
CA GLU A 42 -9.04 -8.03 -22.66
C GLU A 42 -10.28 -8.75 -22.16
N GLN A 43 -10.16 -9.32 -20.97
CA GLN A 43 -11.28 -9.97 -20.32
C GLN A 43 -12.19 -8.95 -19.68
N TYR A 44 -11.65 -7.78 -19.35
CA TYR A 44 -12.43 -6.67 -18.82
C TYR A 44 -12.06 -5.47 -19.67
N GLN A 45 -12.36 -5.58 -20.95
CA GLN A 45 -11.96 -4.57 -21.90
C GLN A 45 -12.59 -3.21 -21.62
N HIS A 46 -13.80 -3.15 -21.08
CA HIS A 46 -14.39 -1.84 -20.66
C HIS A 46 -13.64 -1.13 -19.60
N LEU A 47 -13.16 -1.90 -18.63
CA LEU A 47 -12.41 -1.38 -17.53
C LEU A 47 -11.06 -0.95 -18.03
N THR A 48 -10.46 -1.78 -18.89
CA THR A 48 -9.18 -1.43 -19.46
C THR A 48 -9.27 -0.12 -20.25
N ASP A 49 -10.34 0.02 -21.03
CA ASP A 49 -10.55 1.18 -21.88
C ASP A 49 -10.76 2.41 -21.01
N GLN A 50 -11.60 2.27 -19.98
CA GLN A 50 -11.85 3.33 -19.00
C GLN A 50 -10.55 3.79 -18.32
N ALA A 51 -9.70 2.82 -17.98
CA ALA A 51 -8.40 3.12 -17.36
C ALA A 51 -7.53 3.91 -18.32
N ASP A 52 -7.48 3.45 -19.58
CA ASP A 52 -6.80 4.14 -20.68
C ASP A 52 -7.25 5.59 -20.82
N GLN A 53 -8.56 5.80 -20.76
CA GLN A 53 -9.05 7.13 -20.95
C GLN A 53 -8.74 7.99 -19.72
N ILE A 54 -8.85 7.44 -18.52
CA ILE A 54 -8.51 8.25 -17.35
C ILE A 54 -7.01 8.52 -17.29
N LEU A 55 -6.17 7.59 -17.76
CA LEU A 55 -4.71 7.71 -17.51
C LEU A 55 -3.92 8.46 -18.56
N GLY A 56 -4.41 8.44 -19.80
CA GLY A 56 -3.73 9.02 -20.94
C GLY A 56 -2.71 8.11 -21.62
N TYR A 57 -2.64 6.87 -21.18
CA TYR A 57 -1.80 5.89 -21.85
C TYR A 57 -2.45 4.49 -21.80
N SER A 58 -1.85 3.53 -22.50
CA SER A 58 -2.32 2.15 -22.46
C SER A 58 -1.99 1.42 -21.16
N ILE A 59 -2.97 1.13 -20.32
CA ILE A 59 -2.71 0.43 -19.05
C ILE A 59 -2.25 -1.02 -19.25
N GLU A 60 -2.70 -1.65 -20.33
CA GLU A 60 -2.20 -2.99 -20.69
C GLU A 60 -0.71 -2.97 -21.03
N LYS A 61 -0.29 -1.97 -21.81
CA LYS A 61 1.10 -1.82 -22.15
C LYS A 61 1.99 -1.41 -20.96
N LEU A 62 1.45 -0.65 -20.03
CA LEU A 62 2.24 -0.30 -18.87
C LEU A 62 2.61 -1.60 -18.12
N CYS A 63 1.60 -2.47 -18.02
CA CYS A 63 1.68 -3.68 -17.23
C CYS A 63 2.49 -4.82 -17.85
N THR A 64 2.53 -4.91 -19.18
CA THR A 64 2.99 -6.17 -19.79
C THR A 64 4.02 -6.05 -20.93
N GLU A 65 4.24 -4.84 -21.46
CA GLU A 65 5.18 -4.64 -22.59
C GLU A 65 6.41 -3.92 -22.13
N LYS A 66 7.55 -4.60 -22.27
CA LYS A 66 8.83 -4.14 -21.79
C LYS A 66 9.29 -2.90 -22.57
N SER A 67 8.82 -2.78 -23.82
CA SER A 67 9.09 -1.62 -24.68
C SER A 67 8.45 -0.27 -24.28
N TYR A 68 7.40 -0.31 -23.45
CA TYR A 68 6.68 0.92 -23.07
C TYR A 68 6.99 1.40 -21.64
N LEU A 69 6.11 2.24 -21.09
CA LEU A 69 6.34 2.94 -19.82
C LEU A 69 6.91 2.06 -18.71
N ASP A 70 7.88 2.60 -17.98
CA ASP A 70 8.54 1.87 -16.89
C ASP A 70 7.58 1.78 -15.69
N VAL A 71 7.09 0.55 -15.44
CA VAL A 71 6.12 0.27 -14.34
C VAL A 71 6.66 0.54 -12.93
N ASN A 72 7.97 0.77 -12.82
CA ASN A 72 8.59 1.01 -11.50
C ASN A 72 8.55 2.44 -11.02
N HIS A 73 8.09 3.36 -11.88
CA HIS A 73 7.97 4.77 -11.49
C HIS A 73 6.66 4.97 -10.87
N THR A 74 6.68 5.37 -9.59
CA THR A 74 5.49 5.35 -8.74
C THR A 74 4.20 5.91 -9.37
N GLU A 75 4.34 6.98 -10.17
CA GLU A 75 3.22 7.63 -10.85
C GLU A 75 2.46 6.65 -11.71
N TYR A 76 3.19 5.66 -12.27
CA TYR A 76 2.63 4.61 -13.09
C TYR A 76 2.42 3.36 -12.26
N THR A 77 3.24 3.12 -11.23
CA THR A 77 3.13 1.89 -10.46
C THR A 77 1.76 1.69 -9.82
N GLN A 78 1.28 2.77 -9.16
CA GLN A 78 0.02 2.79 -8.45
C GLN A 78 -1.21 2.51 -9.34
N PRO A 79 -1.34 3.20 -10.50
CA PRO A 79 -2.38 2.82 -11.42
C PRO A 79 -2.22 1.40 -11.94
N ALA A 80 -0.98 0.98 -12.21
CA ALA A 80 -0.72 -0.39 -12.70
C ALA A 80 -1.15 -1.37 -11.64
N LEU A 81 -0.68 -1.18 -10.42
CA LEU A 81 -1.05 -2.07 -9.33
C LEU A 81 -2.56 -2.05 -9.11
N TYR A 82 -3.11 -0.86 -8.92
CA TYR A 82 -4.54 -0.70 -8.75
C TYR A 82 -5.42 -1.42 -9.81
N VAL A 83 -5.05 -1.31 -11.08
CA VAL A 83 -5.85 -1.91 -12.13
C VAL A 83 -5.69 -3.42 -12.09
N VAL A 84 -4.46 -3.88 -11.95
CA VAL A 84 -4.19 -5.32 -11.91
C VAL A 84 -4.91 -5.99 -10.70
N ASN A 85 -4.76 -5.41 -9.52
CA ASN A 85 -5.48 -5.89 -8.32
C ASN A 85 -7.02 -5.91 -8.51
N ALA A 86 -7.54 -4.79 -9.02
CA ALA A 86 -8.96 -4.67 -9.26
C ALA A 86 -9.49 -5.87 -10.06
N LEU A 87 -8.82 -6.13 -11.18
CA LEU A 87 -9.19 -7.12 -12.15
C LEU A 87 -8.93 -8.55 -11.70
N SER A 88 -7.82 -8.73 -10.99
CA SER A 88 -7.51 -9.99 -10.36
C SER A 88 -8.60 -10.38 -9.36
N TYR A 89 -9.10 -9.38 -8.62
CA TYR A 89 -10.24 -9.54 -7.73
C TYR A 89 -11.54 -9.95 -8.45
N LEU A 90 -11.96 -9.15 -9.43
CA LEU A 90 -13.13 -9.47 -10.20
C LEU A 90 -13.04 -10.92 -10.69
N LYS A 91 -11.88 -11.34 -11.20
CA LYS A 91 -11.69 -12.72 -11.69
C LYS A 91 -11.80 -13.75 -10.57
N ARG A 92 -11.12 -13.51 -9.46
CA ARG A 92 -11.21 -14.41 -8.32
C ARG A 92 -12.64 -14.64 -7.83
N VAL A 93 -13.41 -13.56 -7.75
CA VAL A 93 -14.74 -13.59 -7.17
C VAL A 93 -15.67 -14.34 -8.13
N GLU A 94 -15.46 -14.14 -9.42
CA GLU A 94 -16.25 -14.75 -10.44
C GLU A 94 -15.98 -16.25 -10.44
N GLU A 95 -14.72 -16.58 -10.17
CA GLU A 95 -14.13 -17.92 -10.33
C GLU A 95 -14.42 -18.83 -9.14
N THR A 96 -14.37 -18.24 -7.94
CA THR A 96 -14.68 -18.99 -6.72
C THR A 96 -16.15 -18.88 -6.35
N GLY A 97 -16.80 -17.82 -6.85
CA GLY A 97 -18.17 -17.47 -6.43
C GLY A 97 -18.18 -16.73 -5.10
N ARG A 98 -17.04 -16.76 -4.41
CA ARG A 98 -16.95 -16.22 -3.06
C ARG A 98 -16.39 -14.77 -3.01
N LYS A 99 -17.15 -13.87 -2.38
CA LYS A 99 -16.70 -12.54 -1.98
C LYS A 99 -16.06 -12.65 -0.59
N PRO A 100 -14.99 -11.89 -0.32
CA PRO A 100 -14.29 -12.06 0.96
C PRO A 100 -15.02 -11.46 2.16
N ASP A 101 -14.73 -11.94 3.37
CA ASP A 101 -15.33 -11.40 4.61
C ASP A 101 -14.74 -10.10 5.04
N PHE A 102 -13.45 -9.92 4.71
CA PHE A 102 -12.68 -8.69 4.98
C PHE A 102 -11.77 -8.46 3.81
N ALA A 103 -11.30 -7.24 3.73
CA ALA A 103 -10.40 -6.85 2.69
C ALA A 103 -9.47 -5.90 3.42
N ALA A 104 -8.23 -5.86 2.97
CA ALA A 104 -7.20 -4.93 3.42
C ALA A 104 -6.17 -4.79 2.30
N GLY A 105 -5.45 -3.70 2.28
CA GLY A 105 -4.44 -3.55 1.25
C GLY A 105 -3.31 -2.76 1.85
N HIS A 106 -2.13 -2.98 1.34
CA HIS A 106 -0.97 -2.31 1.88
C HIS A 106 -0.70 -1.03 1.15
N SER A 107 -0.88 0.10 1.83
CA SER A 107 -0.64 1.41 1.22
C SER A 107 -1.47 1.53 -0.05
N LEU A 108 -0.84 1.58 -1.22
CA LEU A 108 -1.61 1.53 -2.47
C LEU A 108 -2.78 0.51 -2.43
N GLY A 109 -2.54 -0.65 -1.83
CA GLY A 109 -3.51 -1.71 -1.94
C GLY A 109 -4.80 -1.44 -1.23
N GLU A 110 -4.79 -0.54 -0.25
CA GLU A 110 -5.98 -0.17 0.50
C GLU A 110 -7.08 0.34 -0.43
N TYR A 111 -6.66 0.88 -1.58
CA TYR A 111 -7.59 1.48 -2.52
C TYR A 111 -8.29 0.39 -3.28
N ASN A 112 -7.68 -0.78 -3.29
CA ASN A 112 -8.33 -1.94 -3.87
C ASN A 112 -9.31 -2.60 -2.90
N ALA A 113 -9.04 -2.48 -1.60
CA ALA A 113 -9.89 -3.03 -0.58
C ALA A 113 -11.19 -2.24 -0.43
N LEU A 114 -11.10 -0.90 -0.42
CA LEU A 114 -12.26 -0.01 -0.36
C LEU A 114 -13.12 -0.17 -1.60
N MET A 115 -12.47 -0.25 -2.74
CA MET A 115 -13.14 -0.49 -3.99
C MET A 115 -13.83 -1.86 -4.05
N ALA A 116 -13.16 -2.94 -3.65
CA ALA A 116 -13.80 -4.26 -3.60
C ALA A 116 -14.96 -4.25 -2.59
N ALA A 117 -14.81 -3.46 -1.52
CA ALA A 117 -15.82 -3.34 -0.48
C ALA A 117 -16.95 -2.39 -0.86
N GLY A 118 -16.84 -1.74 -2.02
CA GLY A 118 -17.92 -0.91 -2.56
C GLY A 118 -17.95 0.57 -2.16
N ALA A 119 -16.90 1.04 -1.47
CA ALA A 119 -16.73 2.46 -1.12
C ALA A 119 -16.86 3.39 -2.33
N PHE A 120 -16.28 2.97 -3.46
CA PHE A 120 -16.37 3.70 -4.73
C PHE A 120 -16.22 2.67 -5.85
N ASP A 121 -16.33 3.08 -7.11
CA ASP A 121 -16.20 2.19 -8.27
C ASP A 121 -14.78 2.21 -8.87
N PHE A 122 -14.53 1.32 -9.82
CA PHE A 122 -13.25 1.22 -10.54
C PHE A 122 -12.64 2.57 -10.91
N GLU A 123 -13.34 3.32 -11.78
CA GLU A 123 -13.03 4.70 -12.14
C GLU A 123 -12.62 5.63 -11.01
N THR A 124 -13.38 5.56 -9.92
CA THR A 124 -13.15 6.48 -8.82
C THR A 124 -11.84 6.14 -8.09
N GLY A 125 -11.56 4.84 -7.97
CA GLY A 125 -10.31 4.39 -7.35
C GLY A 125 -9.10 4.81 -8.15
N LEU A 126 -9.17 4.58 -9.46
CA LEU A 126 -8.14 4.92 -10.43
C LEU A 126 -7.82 6.44 -10.52
N ARG A 127 -8.88 7.27 -10.56
CA ARG A 127 -8.67 8.72 -10.46
C ARG A 127 -7.88 9.02 -9.19
N LEU A 128 -8.34 8.44 -8.06
CA LEU A 128 -7.66 8.60 -6.75
C LEU A 128 -6.18 8.17 -6.75
N VAL A 129 -5.86 7.02 -7.33
CA VAL A 129 -4.50 6.51 -7.29
C VAL A 129 -3.60 7.13 -8.38
N LYS A 130 -4.21 7.70 -9.43
CA LYS A 130 -3.52 8.55 -10.37
C LYS A 130 -3.03 9.81 -9.66
N LYS A 131 -3.92 10.52 -8.96
CA LYS A 131 -3.45 11.68 -8.23
C LYS A 131 -2.51 11.27 -7.08
N ARG A 132 -2.76 10.13 -6.42
CA ARG A 132 -1.84 9.64 -5.37
C ARG A 132 -0.45 9.46 -5.96
N GLY A 133 -0.38 8.74 -7.08
CA GLY A 133 0.87 8.42 -7.75
C GLY A 133 1.63 9.65 -8.19
N GLU A 134 0.88 10.61 -8.68
CA GLU A 134 1.50 11.80 -9.21
C GLU A 134 2.14 12.64 -8.07
N LEU A 135 1.36 12.85 -7.00
CA LEU A 135 1.81 13.56 -5.79
C LEU A 135 2.98 12.86 -5.07
N MET A 136 2.86 11.56 -4.88
CA MET A 136 3.97 10.76 -4.40
C MET A 136 5.20 10.82 -5.29
N GLY A 137 4.97 10.88 -6.60
CA GLY A 137 6.03 10.93 -7.60
C GLY A 137 6.87 12.19 -7.63
N ARG A 138 6.35 13.30 -7.14
CA ARG A 138 7.16 14.51 -7.10
C ARG A 138 7.96 14.68 -5.83
N ILE A 139 7.60 13.95 -4.78
CA ILE A 139 8.36 13.96 -3.51
C ILE A 139 9.85 13.58 -3.72
N THR A 140 10.73 14.30 -3.03
CA THR A 140 12.09 14.52 -3.49
C THR A 140 12.87 14.74 -2.20
N GLY A 141 14.15 14.34 -2.19
CA GLY A 141 15.01 14.56 -1.00
C GLY A 141 14.74 13.63 0.17
N GLY A 142 13.96 12.58 -0.10
CA GLY A 142 13.55 11.61 0.89
C GLY A 142 14.18 10.25 0.68
N GLY A 143 13.86 9.35 1.60
CA GLY A 143 14.47 8.02 1.67
C GLY A 143 13.77 7.13 2.67
N MET A 144 13.75 5.83 2.41
CA MET A 144 13.13 4.90 3.32
C MET A 144 14.06 3.70 3.49
N ALA A 145 14.00 3.03 4.62
CA ALA A 145 14.80 1.82 4.74
C ALA A 145 14.08 0.84 5.57
N ALA A 146 14.24 -0.42 5.22
CA ALA A 146 13.72 -1.51 6.02
C ALA A 146 14.77 -1.94 7.01
N VAL A 147 14.33 -2.09 8.25
CA VAL A 147 15.16 -2.51 9.34
C VAL A 147 14.58 -3.85 9.78
N ILE A 148 15.35 -4.92 9.65
CA ILE A 148 14.84 -6.22 10.09
C ILE A 148 15.52 -6.66 11.35
N GLY A 149 14.71 -7.20 12.28
CA GLY A 149 15.20 -7.83 13.51
C GLY A 149 14.74 -7.25 14.82
N LEU A 150 14.34 -5.96 14.80
CA LEU A 150 13.88 -5.19 15.97
C LEU A 150 12.35 -4.91 15.94
N SER A 151 11.74 -4.74 17.10
CA SER A 151 10.34 -4.33 17.14
C SER A 151 10.16 -2.84 16.78
N LYS A 152 8.92 -2.42 16.65
CA LYS A 152 8.59 -1.04 16.39
C LYS A 152 8.92 -0.17 17.64
N GLU A 153 8.68 -0.73 18.84
CA GLU A 153 9.15 -0.15 20.10
C GLU A 153 10.68 0.02 20.07
N GLN A 154 11.39 -1.06 19.71
CA GLN A 154 12.85 -1.03 19.68
C GLN A 154 13.39 -0.03 18.66
N VAL A 155 12.76 0.05 17.49
CA VAL A 155 13.20 0.99 16.44
C VAL A 155 13.02 2.43 16.95
N THR A 156 11.90 2.65 17.63
CA THR A 156 11.57 3.96 18.18
C THR A 156 12.61 4.40 19.21
N ALA A 157 12.93 3.51 20.15
CA ALA A 157 13.96 3.80 21.13
C ALA A 157 15.27 4.21 20.42
N VAL A 158 15.72 3.36 19.50
CA VAL A 158 17.04 3.53 18.95
C VAL A 158 17.12 4.85 18.20
N LEU A 159 16.12 5.10 17.35
CA LEU A 159 15.99 6.37 16.66
C LEU A 159 16.26 7.52 17.62
N GLU A 160 15.49 7.59 18.70
CA GLU A 160 15.61 8.63 19.69
C GLU A 160 16.91 8.61 20.45
N GLU A 161 17.31 7.47 20.99
CA GLU A 161 18.54 7.41 21.77
C GLU A 161 19.66 8.05 20.95
N HIS A 162 19.62 7.81 19.64
CA HIS A 162 20.62 8.30 18.70
C HIS A 162 20.27 9.65 18.09
N ARG A 163 19.28 10.32 18.68
CA ARG A 163 18.88 11.70 18.35
C ARG A 163 18.49 11.90 16.89
N LEU A 164 17.85 10.88 16.30
CA LEU A 164 17.37 10.95 14.93
C LEU A 164 15.87 11.26 14.92
N TYR A 165 15.51 12.37 15.56
CA TYR A 165 14.12 12.78 15.72
C TYR A 165 13.40 13.06 14.38
N ASP A 166 14.15 13.06 13.26
CA ASP A 166 13.59 13.38 11.93
C ASP A 166 13.00 12.20 11.17
N ILE A 167 13.29 10.99 11.65
CA ILE A 167 12.86 9.76 11.00
C ILE A 167 11.54 9.29 11.62
N ASP A 168 10.60 8.95 10.75
CA ASP A 168 9.28 8.43 11.16
C ASP A 168 9.22 6.94 10.87
N VAL A 169 8.26 6.24 11.47
CA VAL A 169 7.98 4.84 11.07
C VAL A 169 6.88 4.81 10.01
N ALA A 170 7.27 4.38 8.80
CA ALA A 170 6.41 4.36 7.65
C ALA A 170 5.60 3.09 7.50
N ASN A 171 6.17 1.96 7.94
CA ASN A 171 5.55 0.65 7.72
C ASN A 171 5.81 -0.18 8.93
N GLU A 172 4.75 -0.74 9.47
CA GLU A 172 4.90 -1.82 10.41
C GLU A 172 4.57 -3.11 9.66
N ASN A 173 5.58 -3.81 9.16
CA ASN A 173 5.29 -4.89 8.21
C ASN A 173 5.16 -6.28 8.79
N THR A 174 6.11 -6.63 9.67
CA THR A 174 6.01 -7.79 10.56
C THR A 174 6.32 -7.34 12.00
N PRO A 175 6.19 -8.24 13.01
CA PRO A 175 6.58 -7.77 14.35
C PRO A 175 8.07 -7.36 14.42
N GLN A 176 8.86 -7.72 13.40
CA GLN A 176 10.26 -7.32 13.33
C GLN A 176 10.75 -6.89 11.94
N GLN A 177 9.82 -6.44 11.10
CA GLN A 177 10.18 -5.69 9.90
C GLN A 177 9.49 -4.35 10.01
N ILE A 178 10.33 -3.32 10.12
CA ILE A 178 9.90 -1.93 10.25
C ILE A 178 10.53 -1.10 9.14
N VAL A 179 9.72 -0.34 8.42
CA VAL A 179 10.31 0.54 7.41
C VAL A 179 10.33 1.95 7.96
N ILE A 180 11.51 2.57 7.95
CA ILE A 180 11.66 3.97 8.39
C ILE A 180 11.69 4.98 7.24
N SER A 181 11.37 6.22 7.58
CA SER A 181 11.10 7.22 6.58
C SER A 181 11.56 8.59 7.02
N GLY A 182 12.39 9.22 6.20
CA GLY A 182 12.80 10.59 6.43
C GLY A 182 13.64 11.16 5.31
N PRO A 183 14.25 12.33 5.56
CA PRO A 183 15.19 13.01 4.66
C PRO A 183 16.30 12.04 4.29
N LYS A 184 16.80 12.13 3.06
CA LYS A 184 17.79 11.21 2.52
C LYS A 184 19.00 10.99 3.42
N LYS A 185 19.62 12.11 3.84
CA LYS A 185 20.83 12.13 4.65
C LYS A 185 20.56 11.55 6.05
N GLU A 186 19.32 11.63 6.48
CA GLU A 186 18.91 11.08 7.76
C GLU A 186 18.86 9.52 7.70
N ILE A 187 18.39 8.99 6.57
CA ILE A 187 18.30 7.55 6.35
C ILE A 187 19.72 7.00 6.33
N GLU A 188 20.63 7.79 5.75
CA GLU A 188 22.05 7.41 5.71
C GLU A 188 22.69 7.40 7.11
N LYS A 189 22.48 8.45 7.93
CA LYS A 189 22.92 8.43 9.34
C LYS A 189 22.45 7.16 10.09
N ALA A 190 21.18 6.80 9.88
CA ALA A 190 20.58 5.69 10.62
C ALA A 190 21.17 4.33 10.24
N ARG A 191 21.88 4.28 9.11
CA ARG A 191 22.47 3.05 8.62
C ARG A 191 23.43 2.61 9.69
N ALA A 192 24.27 3.55 10.06
CA ALA A 192 25.33 3.33 10.99
C ALA A 192 24.80 2.94 12.36
N VAL A 193 23.68 3.56 12.77
CA VAL A 193 23.02 3.21 14.02
C VAL A 193 22.50 1.78 13.98
N PHE A 194 21.61 1.51 13.02
CA PHE A 194 20.98 0.20 12.96
C PHE A 194 21.95 -0.94 12.69
N GLU A 195 22.97 -0.74 11.87
CA GLU A 195 23.92 -1.83 11.59
C GLU A 195 24.91 -2.11 12.74
N ASN A 196 24.80 -1.33 13.82
CA ASN A 196 25.65 -1.48 15.04
C ASN A 196 24.76 -1.57 16.30
N THR A 197 23.59 -2.20 16.15
CA THR A 197 22.69 -2.51 17.24
C THR A 197 22.45 -4.03 17.29
N LYS A 198 22.51 -4.60 18.50
CA LYS A 198 22.15 -6.01 18.74
C LYS A 198 20.73 -6.33 18.19
N ASP A 199 20.60 -7.48 17.52
CA ASP A 199 19.28 -7.96 17.06
C ASP A 199 18.83 -7.47 15.68
N VAL A 200 19.54 -6.48 15.13
CA VAL A 200 19.29 -6.04 13.77
C VAL A 200 19.94 -7.06 12.86
N LYS A 201 19.15 -7.71 12.01
CA LYS A 201 19.69 -8.65 10.97
C LYS A 201 20.02 -7.94 9.68
N LEU A 202 19.27 -6.88 9.34
CA LEU A 202 19.38 -6.21 8.05
C LEU A 202 18.97 -4.73 8.12
N PHE A 203 19.73 -3.93 7.39
CA PHE A 203 19.35 -2.58 7.04
C PHE A 203 19.41 -2.52 5.54
N HIS A 204 18.26 -2.22 4.94
CA HIS A 204 18.14 -2.23 3.48
C HIS A 204 17.43 -1.01 3.01
N PRO A 205 18.18 -0.04 2.48
CA PRO A 205 17.50 1.15 1.94
C PRO A 205 16.60 0.78 0.76
N LEU A 206 15.42 1.40 0.72
CA LEU A 206 14.46 1.17 -0.35
C LEU A 206 14.76 2.08 -1.55
N ASN A 207 14.42 1.57 -2.73
CA ASN A 207 14.66 2.24 -4.01
C ASN A 207 13.58 3.30 -4.27
N VAL A 208 13.57 4.33 -3.44
CA VAL A 208 12.59 5.43 -3.50
C VAL A 208 13.30 6.76 -3.17
N SER A 209 12.74 7.87 -3.62
CA SER A 209 13.33 9.17 -3.29
C SER A 209 12.37 10.14 -2.57
N GLY A 210 11.29 9.59 -2.01
CA GLY A 210 10.41 10.33 -1.11
C GLY A 210 10.25 9.63 0.22
N ALA A 211 10.13 10.41 1.29
CA ALA A 211 9.90 9.87 2.63
C ALA A 211 8.41 9.59 2.79
N PHE A 212 7.95 8.47 2.23
CA PHE A 212 6.54 8.13 2.26
C PHE A 212 6.04 7.75 3.65
N HIS A 213 4.75 7.92 3.89
CA HIS A 213 4.16 7.61 5.17
C HIS A 213 4.90 8.22 6.33
N SER A 214 5.23 9.50 6.20
CA SER A 214 5.89 10.27 7.29
C SER A 214 5.39 11.70 7.23
N ARG A 215 5.81 12.48 8.23
CA ARG A 215 5.43 13.89 8.42
C ARG A 215 5.71 14.68 7.16
N TYR A 216 6.65 14.20 6.34
CA TYR A 216 7.09 14.89 5.11
C TYR A 216 6.09 14.71 3.97
N MET A 217 5.09 13.87 4.20
CA MET A 217 3.99 13.70 3.26
C MET A 217 2.83 14.64 3.59
N ASN A 218 3.06 15.53 4.55
CA ASN A 218 2.09 16.50 5.04
C ASN A 218 1.34 17.33 3.98
N GLU A 219 2.04 18.23 3.28
CA GLU A 219 1.43 18.99 2.19
C GLU A 219 0.75 18.07 1.19
N ALA A 220 1.46 17.03 0.71
CA ALA A 220 0.87 16.04 -0.20
C ALA A 220 -0.38 15.42 0.39
N LYS A 221 -0.34 15.08 1.67
CA LYS A 221 -1.53 14.52 2.33
C LYS A 221 -2.73 15.46 2.16
N GLN A 222 -2.52 16.73 2.49
CA GLN A 222 -3.56 17.73 2.43
C GLN A 222 -4.07 17.86 1.00
N VAL A 223 -3.20 18.30 0.10
CA VAL A 223 -3.59 18.35 -1.30
C VAL A 223 -4.41 17.12 -1.64
N PHE A 224 -3.99 15.96 -1.16
CA PHE A 224 -4.70 14.74 -1.45
C PHE A 224 -5.99 14.59 -0.65
N LYS A 225 -6.07 15.20 0.53
CA LYS A 225 -7.32 15.17 1.29
C LYS A 225 -8.39 15.87 0.49
N GLN A 226 -8.09 17.08 0.03
CA GLN A 226 -9.07 17.88 -0.67
C GLN A 226 -9.59 17.10 -1.86
N TYR A 227 -8.70 16.42 -2.59
CA TYR A 227 -9.10 15.52 -3.69
C TYR A 227 -10.08 14.40 -3.27
N ILE A 228 -9.87 13.80 -2.09
CA ILE A 228 -10.72 12.70 -1.63
C ILE A 228 -12.14 13.20 -1.34
N ASP A 229 -12.22 14.35 -0.69
CA ASP A 229 -13.48 15.02 -0.35
C ASP A 229 -14.31 15.35 -1.58
N SER A 230 -13.66 15.58 -2.71
CA SER A 230 -14.38 15.88 -3.94
C SER A 230 -15.25 14.73 -4.50
N PHE A 231 -15.06 13.50 -3.99
CA PHE A 231 -15.81 12.32 -4.48
C PHE A 231 -16.94 11.92 -3.52
N GLN A 232 -18.06 11.40 -4.01
CA GLN A 232 -19.05 10.79 -3.10
C GLN A 232 -18.70 9.32 -2.83
N PHE A 233 -18.69 8.94 -1.56
CA PHE A 233 -18.32 7.57 -1.19
C PHE A 233 -19.58 6.81 -0.84
N ALA A 234 -19.62 5.55 -1.27
CA ALA A 234 -20.70 4.63 -0.92
C ALA A 234 -20.41 3.86 0.42
N PRO A 235 -21.44 3.25 1.02
CA PRO A 235 -21.22 2.38 2.17
C PRO A 235 -20.59 1.03 1.79
N LEU A 236 -19.76 0.48 2.69
CA LEU A 236 -18.97 -0.76 2.51
C LEU A 236 -19.80 -2.04 2.71
N ALA A 237 -19.74 -2.90 1.69
CA ALA A 237 -20.32 -4.25 1.72
C ALA A 237 -19.47 -5.19 2.58
N ILE A 238 -18.14 -5.05 2.44
CA ILE A 238 -17.13 -5.86 3.12
C ILE A 238 -16.50 -4.94 4.19
N PRO A 239 -16.08 -5.47 5.36
CA PRO A 239 -15.28 -4.64 6.27
C PRO A 239 -13.87 -4.45 5.74
N VAL A 240 -13.39 -3.21 5.67
CA VAL A 240 -12.03 -2.92 5.22
C VAL A 240 -11.20 -2.53 6.44
N ILE A 241 -10.07 -3.20 6.68
CA ILE A 241 -9.24 -2.86 7.82
C ILE A 241 -8.27 -1.79 7.44
N SER A 242 -8.37 -0.64 8.11
CA SER A 242 -7.57 0.51 7.76
C SER A 242 -6.09 0.38 8.06
N ASN A 243 -5.27 0.92 7.14
CA ASN A 243 -3.79 0.99 7.31
C ASN A 243 -3.40 1.87 8.48
N VAL A 244 -4.24 2.88 8.72
CA VAL A 244 -3.98 3.89 9.73
C VAL A 244 -4.33 3.40 11.13
N TYR A 245 -5.46 2.70 11.29
CA TYR A 245 -5.84 2.21 12.64
C TYR A 245 -5.73 0.71 12.93
N ALA A 246 -5.55 -0.12 11.90
CA ALA A 246 -5.50 -1.57 12.05
C ALA A 246 -6.84 -2.01 12.56
N GLU A 247 -7.83 -1.18 12.27
CA GLU A 247 -9.22 -1.40 12.64
C GLU A 247 -10.06 -1.27 11.41
N PRO A 248 -11.28 -1.83 11.46
CA PRO A 248 -12.15 -1.65 10.32
C PRO A 248 -12.53 -0.17 10.15
N TYR A 249 -12.75 0.24 8.90
CA TYR A 249 -13.28 1.56 8.60
C TYR A 249 -14.59 1.76 9.35
N HIS A 250 -14.68 2.80 10.17
CA HIS A 250 -15.95 3.20 10.79
C HIS A 250 -16.70 4.01 9.79
N GLN A 251 -17.82 3.53 9.29
CA GLN A 251 -18.51 4.04 8.09
C GLN A 251 -18.86 5.42 7.81
N ASP A 252 -18.72 6.20 8.86
CA ASP A 252 -19.01 7.63 8.89
C ASP A 252 -17.73 8.45 8.76
N ARG A 253 -16.58 7.80 9.03
CA ARG A 253 -15.28 8.43 8.86
C ARG A 253 -14.47 7.80 7.71
N LEU A 254 -15.10 7.52 6.56
CA LEU A 254 -14.39 6.82 5.45
C LEU A 254 -13.32 7.65 4.75
N LYS A 255 -13.63 8.93 4.53
CA LYS A 255 -12.75 9.81 3.77
C LYS A 255 -11.64 10.26 4.66
N ASP A 256 -12.01 10.50 5.90
CA ASP A 256 -11.05 10.95 6.89
C ASP A 256 -10.04 9.87 7.18
N THR A 257 -10.49 8.63 7.30
CA THR A 257 -9.56 7.53 7.55
C THR A 257 -8.63 7.29 6.34
N LEU A 258 -9.15 7.46 5.12
CA LEU A 258 -8.33 7.29 3.95
C LEU A 258 -7.35 8.47 3.76
N SER A 259 -7.77 9.66 4.15
CA SER A 259 -6.94 10.84 3.86
C SER A 259 -5.77 10.92 4.86
N GLU A 260 -5.94 10.24 5.99
CA GLU A 260 -4.96 10.15 7.06
C GLU A 260 -3.85 9.16 6.76
N GLN A 261 -4.01 8.44 5.67
CA GLN A 261 -3.13 7.34 5.37
C GLN A 261 -1.80 7.82 4.79
N MET A 262 -1.83 8.86 3.97
CA MET A 262 -0.64 9.26 3.25
C MET A 262 0.54 9.55 4.19
N ASP A 263 0.29 10.22 5.31
CA ASP A 263 1.40 10.59 6.16
C ASP A 263 1.44 9.88 7.54
N ASN A 264 0.87 8.69 7.58
CA ASN A 264 0.84 7.92 8.79
C ASN A 264 1.37 6.53 8.50
N THR A 265 1.89 5.90 9.55
CA THR A 265 2.39 4.53 9.49
C THR A 265 1.39 3.58 8.83
N VAL A 266 1.89 2.72 7.94
CA VAL A 266 1.08 1.59 7.50
C VAL A 266 1.14 0.52 8.58
N LYS A 267 0.05 0.37 9.32
CA LYS A 267 0.08 -0.53 10.47
C LYS A 267 -0.31 -1.94 10.10
N TRP A 268 0.49 -2.56 9.27
CA TRP A 268 0.14 -3.81 8.65
C TRP A 268 0.22 -5.02 9.52
N THR A 269 1.21 -5.09 10.44
CA THR A 269 1.32 -6.30 11.28
C THR A 269 0.04 -6.43 12.12
N ASP A 270 -0.29 -5.34 12.80
CA ASP A 270 -1.55 -5.21 13.54
C ASP A 270 -2.85 -5.31 12.74
N SER A 271 -2.82 -5.04 11.44
CA SER A 271 -4.07 -5.17 10.68
C SER A 271 -4.24 -6.64 10.39
N ILE A 272 -3.13 -7.37 10.29
CA ILE A 272 -3.18 -8.82 10.11
C ILE A 272 -3.52 -9.50 11.43
N ARG A 273 -3.04 -8.93 12.54
CA ARG A 273 -3.41 -9.43 13.86
C ARG A 273 -4.90 -9.36 14.08
N PHE A 274 -5.49 -8.18 13.91
CA PHE A 274 -6.92 -8.00 14.07
C PHE A 274 -7.72 -9.08 13.31
N LEU A 275 -7.30 -9.41 12.08
CA LEU A 275 -7.95 -10.42 11.26
C LEU A 275 -7.80 -11.89 11.77
N MET A 276 -6.63 -12.22 12.30
CA MET A 276 -6.41 -13.48 13.03
C MET A 276 -7.30 -13.60 14.27
N GLY A 277 -7.61 -12.46 14.88
CA GLY A 277 -8.38 -12.47 16.11
C GLY A 277 -9.83 -12.72 15.77
N ARG A 278 -10.19 -12.49 14.51
CA ARG A 278 -11.59 -12.50 14.09
C ARG A 278 -12.17 -13.91 14.04
N GLY A 279 -11.31 -14.90 13.98
CA GLY A 279 -11.77 -16.27 13.95
C GLY A 279 -10.71 -17.10 13.30
N GLU A 280 -11.17 -18.18 12.69
CA GLU A 280 -10.31 -19.07 11.95
C GLU A 280 -10.20 -18.37 10.62
N MET A 281 -9.05 -17.73 10.38
CA MET A 281 -8.91 -16.80 9.25
C MET A 281 -7.93 -17.21 8.15
N GLU A 282 -8.44 -17.23 6.92
CA GLU A 282 -7.61 -17.45 5.75
C GLU A 282 -7.26 -16.11 5.09
N PHE A 283 -6.08 -16.04 4.48
CA PHE A 283 -5.71 -14.85 3.71
C PHE A 283 -5.45 -15.26 2.29
N ALA A 284 -5.99 -14.48 1.36
CA ALA A 284 -5.64 -14.64 -0.04
C ALA A 284 -5.11 -13.31 -0.63
N GLU A 285 -3.98 -13.38 -1.32
CA GLU A 285 -3.36 -12.23 -1.90
C GLU A 285 -3.73 -12.09 -3.37
N ILE A 286 -4.55 -11.08 -3.63
CA ILE A 286 -5.13 -10.80 -4.93
C ILE A 286 -4.26 -9.68 -5.52
N GLY A 287 -3.70 -9.93 -6.70
CA GLY A 287 -2.71 -9.03 -7.31
C GLY A 287 -1.41 -9.76 -7.62
N PRO A 288 -0.40 -9.05 -8.17
CA PRO A 288 0.87 -9.67 -8.50
C PRO A 288 1.74 -9.98 -7.27
N GLY A 289 2.51 -11.07 -7.37
CA GLY A 289 3.53 -11.43 -6.39
C GLY A 289 3.00 -12.05 -5.13
N THR A 290 3.92 -12.34 -4.22
CA THR A 290 3.56 -13.00 -2.94
C THR A 290 4.17 -12.24 -1.74
N VAL A 291 4.42 -10.95 -1.94
CA VAL A 291 5.01 -10.08 -0.92
C VAL A 291 4.21 -10.12 0.38
N LEU A 292 2.90 -9.88 0.29
CA LEU A 292 2.01 -9.86 1.48
C LEU A 292 1.79 -11.23 2.13
N THR A 293 1.76 -12.26 1.28
CA THR A 293 1.64 -13.63 1.75
C THR A 293 2.83 -13.91 2.68
N GLY A 294 4.02 -13.54 2.18
CA GLY A 294 5.23 -13.47 2.99
C GLY A 294 5.08 -12.79 4.34
N LEU A 295 4.64 -11.54 4.34
CA LEU A 295 4.52 -10.77 5.58
C LEU A 295 3.49 -11.41 6.48
N ILE A 296 2.43 -11.98 5.89
CA ILE A 296 1.36 -12.65 6.66
C ILE A 296 1.87 -13.91 7.37
N HIS A 297 2.62 -14.74 6.63
CA HIS A 297 3.33 -15.92 7.20
C HIS A 297 4.21 -15.56 8.37
N ARG A 298 5.05 -14.52 8.23
CA ARG A 298 5.95 -14.07 9.30
C ARG A 298 5.17 -13.46 10.50
N ILE A 299 4.09 -12.72 10.23
CA ILE A 299 3.20 -12.25 11.30
C ILE A 299 2.50 -13.42 12.01
N LYS A 300 2.10 -14.41 11.23
CA LYS A 300 1.44 -15.59 11.80
C LYS A 300 2.43 -16.40 12.68
N ASN A 301 3.68 -16.57 12.22
CA ASN A 301 4.70 -17.37 12.95
C ASN A 301 4.67 -17.15 14.45
#